data_1U20
#
_entry.id   1U20
#
_cell.length_a   49.188
_cell.length_b   82.990
_cell.length_c   111.063
_cell.angle_alpha   90.00
_cell.angle_beta   90.00
_cell.angle_gamma   90.00
#
_symmetry.space_group_name_H-M   'P 21 21 21'
#
loop_
_entity.id
_entity.type
_entity.pdbx_description
1 polymer 'U8 snoRNA-binding protein X29'
2 non-polymer GLYCEROL
3 water water
#
_entity_poly.entity_id   1
_entity_poly.type   'polypeptide(L)'
_entity_poly.pdbx_seq_one_letter_code
;MAESRSPDRGAKEDKPRPRNISREESLQLEGYKHACHALLHAPSQAKLFDRVPIRRVLLMMMRFDGRLGFPGGFVDTRDI
SLEEGLKRELEEELGPALATVEVTEDDYRSSQVREHPQKCVTHFYIKELKLEEIERIEAEAVNAKDHGLEVMGLIRVPLY
TLRDRVGGLPAFLCNNFIGNSKSQLLYALRSLKLLREDQIQEVLKASHRLQY
;
_entity_poly.pdbx_strand_id   A,B
#
loop_
_chem_comp.id
_chem_comp.type
_chem_comp.name
_chem_comp.formula
GOL non-polymer GLYCEROL 'C3 H8 O3'
#
# COMPACT_ATOMS: atom_id res chain seq x y z
N ASP A 14 -7.89 28.78 -20.33
CA ASP A 14 -9.31 28.75 -20.82
C ASP A 14 -9.99 27.42 -20.58
N LYS A 15 -9.20 26.35 -20.45
CA LYS A 15 -9.73 25.04 -20.12
C LYS A 15 -10.09 24.97 -18.63
N PRO A 16 -11.12 24.21 -18.28
CA PRO A 16 -11.48 24.01 -16.86
C PRO A 16 -10.53 23.02 -16.16
N ARG A 17 -10.51 23.08 -14.83
CA ARG A 17 -9.71 22.17 -14.02
C ARG A 17 -10.59 21.47 -12.98
N PRO A 18 -10.03 20.47 -12.30
CA PRO A 18 -10.73 19.70 -11.27
C PRO A 18 -11.34 20.64 -10.24
N ARG A 19 -12.66 20.56 -10.08
CA ARG A 19 -13.39 21.51 -9.23
C ARG A 19 -14.57 20.84 -8.51
N ASN A 20 -14.91 21.40 -7.35
CA ASN A 20 -16.04 20.95 -6.56
C ASN A 20 -17.35 21.18 -7.33
N ILE A 21 -18.31 20.26 -7.18
CA ILE A 21 -19.62 20.38 -7.81
C ILE A 21 -20.66 19.78 -6.89
N SER A 22 -21.86 20.38 -6.89
CA SER A 22 -22.97 19.87 -6.09
C SER A 22 -23.48 18.54 -6.65
N ARG A 23 -23.93 17.67 -5.75
CA ARG A 23 -24.47 16.36 -6.11
C ARG A 23 -25.62 16.48 -7.13
N GLU A 24 -26.55 17.40 -6.88
CA GLU A 24 -27.70 17.57 -7.75
C GLU A 24 -27.30 17.98 -9.16
N GLU A 25 -26.36 18.92 -9.24
CA GLU A 25 -25.86 19.38 -10.52
C GLU A 25 -25.17 18.27 -11.28
N SER A 26 -24.30 17.53 -10.59
CA SER A 26 -23.52 16.46 -11.21
C SER A 26 -24.42 15.40 -11.82
N LEU A 27 -25.53 15.11 -11.13
CA LEU A 27 -26.50 14.13 -11.60
C LEU A 27 -27.35 14.66 -12.75
N GLN A 28 -27.57 15.98 -12.78
CA GLN A 28 -28.36 16.63 -13.83
C GLN A 28 -27.53 17.02 -15.07
N LEU A 29 -26.79 16.05 -15.62
CA LEU A 29 -26.01 16.24 -16.85
C LEU A 29 -25.63 14.93 -17.52
N GLU A 30 -25.18 15.02 -18.78
CA GLU A 30 -24.79 13.85 -19.57
C GLU A 30 -23.39 14.00 -20.15
N GLY A 31 -22.78 12.88 -20.55
CA GLY A 31 -21.43 12.86 -21.09
C GLY A 31 -20.33 12.56 -20.07
N TYR A 32 -20.68 12.63 -18.79
CA TYR A 32 -19.72 12.44 -17.70
C TYR A 32 -19.94 11.08 -17.03
N LYS A 33 -18.84 10.39 -16.76
CA LYS A 33 -18.88 9.12 -16.02
C LYS A 33 -18.91 9.37 -14.52
N HIS A 34 -19.61 8.51 -13.79
CA HIS A 34 -19.72 8.65 -12.33
C HIS A 34 -18.96 7.58 -11.57
N ALA A 35 -18.22 8.00 -10.55
CA ALA A 35 -17.49 7.08 -9.67
C ALA A 35 -17.75 7.39 -8.19
N CYS A 36 -17.81 6.34 -7.37
CA CYS A 36 -18.06 6.47 -5.95
C CYS A 36 -16.96 5.76 -5.15
N HIS A 37 -16.39 6.45 -4.18
CA HIS A 37 -15.38 5.88 -3.31
C HIS A 37 -15.68 6.22 -1.87
N ALA A 38 -15.19 5.40 -0.95
CA ALA A 38 -15.47 5.60 0.46
C ALA A 38 -14.26 5.44 1.35
N LEU A 39 -14.23 6.27 2.37
CA LEU A 39 -13.36 6.09 3.51
C LEU A 39 -14.15 5.36 4.61
N LEU A 40 -13.72 4.15 4.92
CA LEU A 40 -14.29 3.39 6.04
C LEU A 40 -13.29 3.52 7.16
N HIS A 41 -13.78 3.80 8.37
CA HIS A 41 -12.89 4.06 9.50
C HIS A 41 -13.51 3.67 10.85
N ALA A 42 -12.66 3.56 11.86
CA ALA A 42 -13.11 3.15 13.19
C ALA A 42 -12.14 3.66 14.24
N PRO A 43 -12.62 4.00 15.44
CA PRO A 43 -11.73 4.47 16.50
C PRO A 43 -10.90 3.28 16.97
N SER A 44 -9.71 3.55 17.48
CA SER A 44 -8.84 2.50 18.01
C SER A 44 -8.13 3.04 19.23
N GLN A 45 -7.89 2.13 20.18
CA GLN A 45 -7.13 2.42 21.39
C GLN A 45 -5.69 1.98 21.28
N ALA A 46 -5.35 1.28 20.20
CA ALA A 46 -3.99 0.78 20.01
C ALA A 46 -2.94 1.88 20.07
N LYS A 47 -1.72 1.51 20.40
CA LYS A 47 -0.62 2.46 20.44
C LYS A 47 0.64 1.87 19.80
N LEU A 48 1.20 2.61 18.84
CA LEU A 48 2.45 2.18 18.22
C LEU A 48 3.60 2.37 19.20
N PHE A 49 4.48 1.37 19.29
CA PHE A 49 5.63 1.40 20.18
C PHE A 49 5.19 1.68 21.63
N ASP A 50 3.94 1.38 21.93
CA ASP A 50 3.31 1.63 23.23
C ASP A 50 3.18 3.08 23.63
N ARG A 51 3.41 4.01 22.71
CA ARG A 51 3.31 5.43 23.07
C ARG A 51 2.64 6.31 22.03
N VAL A 52 2.66 5.90 20.77
CA VAL A 52 2.07 6.71 19.70
C VAL A 52 0.65 6.21 19.38
N PRO A 53 -0.37 6.95 19.82
CA PRO A 53 -1.75 6.53 19.58
C PRO A 53 -2.09 6.43 18.09
N ILE A 54 -2.74 5.33 17.73
CA ILE A 54 -3.24 5.11 16.37
C ILE A 54 -4.39 6.08 16.17
N ARG A 55 -5.15 6.24 17.25
CA ARG A 55 -6.32 7.13 17.29
C ARG A 55 -7.47 6.58 16.46
N ARG A 56 -7.21 6.31 15.20
CA ARG A 56 -8.28 5.85 14.32
C ARG A 56 -7.73 5.07 13.12
N VAL A 57 -8.47 4.04 12.72
CA VAL A 57 -8.11 3.24 11.57
C VAL A 57 -8.85 3.70 10.31
N LEU A 58 -8.09 4.17 9.33
CA LEU A 58 -8.66 4.65 8.05
C LEU A 58 -8.17 3.72 6.96
N LEU A 59 -9.10 3.13 6.23
CA LEU A 59 -8.73 2.19 5.16
C LEU A 59 -8.50 2.87 3.83
N MET A 60 -7.37 2.52 3.19
CA MET A 60 -7.11 2.90 1.81
C MET A 60 -6.59 1.61 1.17
N MET A 61 -6.19 1.67 -0.09
CA MET A 61 -5.68 0.47 -0.74
C MET A 61 -4.69 0.81 -1.82
N MET A 62 -3.89 -0.19 -2.20
CA MET A 62 -3.01 -0.11 -3.34
C MET A 62 -3.85 -0.61 -4.52
N ARG A 63 -3.89 0.16 -5.59
CA ARG A 63 -4.65 -0.21 -6.78
C ARG A 63 -3.84 -0.99 -7.81
N PHE A 64 -4.55 -1.60 -8.74
CA PHE A 64 -3.95 -2.30 -9.88
C PHE A 64 -3.00 -1.37 -10.63
N ASP A 65 -3.26 -0.06 -10.56
CA ASP A 65 -2.45 0.86 -11.33
C ASP A 65 -1.26 1.39 -10.54
N GLY A 66 -0.99 0.78 -9.38
CA GLY A 66 0.20 1.13 -8.61
C GLY A 66 0.04 2.37 -7.76
N ARG A 67 -1.19 2.89 -7.69
CA ARG A 67 -1.45 4.12 -6.92
C ARG A 67 -2.31 3.79 -5.72
N LEU A 68 -2.23 4.65 -4.69
CA LEU A 68 -3.09 4.52 -3.53
C LEU A 68 -4.42 5.18 -3.85
N GLY A 69 -5.49 4.65 -3.29
CA GLY A 69 -6.83 5.21 -3.50
C GLY A 69 -7.77 4.68 -2.43
N PHE A 70 -9.02 5.12 -2.48
CA PHE A 70 -10.07 4.64 -1.59
C PHE A 70 -10.87 3.55 -2.32
N PRO A 71 -11.38 2.54 -1.62
CA PRO A 71 -12.19 1.52 -2.28
C PRO A 71 -13.43 2.13 -2.92
N GLY A 72 -13.89 1.51 -4.00
CA GLY A 72 -15.04 1.99 -4.75
C GLY A 72 -14.80 1.80 -6.25
N GLY A 73 -15.54 2.56 -7.06
CA GLY A 73 -15.38 2.49 -8.51
C GLY A 73 -16.50 3.16 -9.31
N PHE A 74 -16.52 2.88 -10.60
CA PHE A 74 -17.50 3.48 -11.51
C PHE A 74 -18.93 3.03 -11.19
N VAL A 75 -19.87 3.96 -11.29
CA VAL A 75 -21.28 3.72 -10.94
C VAL A 75 -22.19 4.25 -12.05
N ASP A 76 -23.16 3.44 -12.45
CA ASP A 76 -24.15 3.86 -13.44
C ASP A 76 -25.28 4.66 -12.77
N THR A 77 -25.37 5.94 -13.11
CA THR A 77 -26.40 6.82 -12.55
C THR A 77 -27.83 6.42 -12.98
N ARG A 78 -27.93 5.72 -14.10
CA ARG A 78 -29.22 5.21 -14.58
C ARG A 78 -29.72 4.05 -13.72
N ASP A 79 -28.89 3.00 -13.60
CA ASP A 79 -29.27 1.75 -12.93
C ASP A 79 -29.76 1.94 -11.48
N ILE A 80 -28.84 2.21 -10.58
CA ILE A 80 -29.17 2.38 -9.17
C ILE A 80 -28.71 3.74 -8.65
N SER A 81 -28.96 3.99 -7.37
CA SER A 81 -28.54 5.24 -6.74
C SER A 81 -27.02 5.27 -6.55
N LEU A 82 -26.48 6.45 -6.26
CA LEU A 82 -25.05 6.59 -5.94
C LEU A 82 -24.70 5.71 -4.74
N GLU A 83 -25.57 5.71 -3.73
CA GLU A 83 -25.38 4.89 -2.55
C GLU A 83 -25.30 3.41 -2.93
N GLU A 84 -26.22 3.00 -3.78
CA GLU A 84 -26.34 1.62 -4.22
C GLU A 84 -25.15 1.15 -5.03
N GLY A 85 -24.74 1.96 -6.01
CA GLY A 85 -23.58 1.69 -6.83
C GLY A 85 -22.31 1.54 -6.01
N LEU A 86 -22.12 2.44 -5.04
CA LEU A 86 -20.97 2.38 -4.13
C LEU A 86 -20.92 1.04 -3.39
N LYS A 87 -22.02 0.69 -2.71
CA LYS A 87 -22.09 -0.56 -1.94
C LYS A 87 -21.78 -1.79 -2.77
N ARG A 88 -22.23 -1.80 -4.02
CA ARG A 88 -21.92 -2.89 -4.95
C ARG A 88 -20.42 -2.99 -5.23
N GLU A 89 -19.80 -1.84 -5.56
CA GLU A 89 -18.40 -1.82 -5.86
C GLU A 89 -17.56 -2.18 -4.65
N LEU A 90 -17.99 -1.71 -3.48
CA LEU A 90 -17.32 -2.04 -2.22
C LEU A 90 -17.33 -3.55 -1.99
N GLU A 91 -18.41 -4.22 -2.40
CA GLU A 91 -18.50 -5.66 -2.15
C GLU A 91 -17.52 -6.43 -3.02
N GLU A 92 -17.42 -6.06 -4.28
CA GLU A 92 -16.43 -6.70 -5.15
C GLU A 92 -14.97 -6.46 -4.68
N GLU A 93 -14.73 -5.29 -4.11
CA GLU A 93 -13.38 -4.86 -3.74
C GLU A 93 -12.96 -5.36 -2.37
N LEU A 94 -13.91 -5.40 -1.44
CA LEU A 94 -13.63 -5.74 -0.07
C LEU A 94 -14.20 -7.06 0.41
N GLY A 95 -15.18 -7.60 -0.30
CA GLY A 95 -15.78 -8.87 0.09
C GLY A 95 -17.21 -8.77 0.62
N PRO A 96 -17.83 -9.92 0.89
CA PRO A 96 -19.26 -10.00 1.26
C PRO A 96 -19.67 -9.27 2.52
N ALA A 97 -18.76 -9.09 3.48
CA ALA A 97 -19.08 -8.31 4.69
C ALA A 97 -19.72 -6.95 4.37
N LEU A 98 -19.38 -6.37 3.22
CA LEU A 98 -19.94 -5.08 2.81
C LEU A 98 -21.45 -5.09 2.51
N ALA A 99 -21.98 -6.25 2.12
CA ALA A 99 -23.43 -6.38 1.86
C ALA A 99 -24.27 -5.92 3.05
N THR A 100 -23.80 -6.18 4.27
CA THR A 100 -24.51 -5.78 5.48
C THR A 100 -24.24 -4.33 5.88
N VAL A 101 -23.27 -3.68 5.25
CA VAL A 101 -22.92 -2.29 5.59
C VAL A 101 -23.95 -1.34 4.99
N GLU A 102 -24.47 -0.43 5.82
CA GLU A 102 -25.53 0.49 5.43
C GLU A 102 -25.15 1.38 4.23
N VAL A 103 -24.49 2.51 4.48
CA VAL A 103 -24.17 3.49 3.43
C VAL A 103 -25.42 4.17 2.88
N THR A 104 -25.75 5.31 3.47
CA THR A 104 -26.88 6.10 3.01
C THR A 104 -26.37 7.44 2.49
N GLU A 105 -27.33 8.31 2.15
CA GLU A 105 -27.03 9.67 1.75
C GLU A 105 -26.33 10.43 2.88
N ASP A 106 -26.57 9.98 4.12
CA ASP A 106 -25.94 10.59 5.29
C ASP A 106 -24.43 10.37 5.31
N ASP A 107 -23.97 9.36 4.55
CA ASP A 107 -22.55 9.08 4.40
C ASP A 107 -21.91 9.82 3.23
N TYR A 108 -22.73 10.41 2.35
CA TYR A 108 -22.22 11.21 1.25
C TYR A 108 -21.54 12.48 1.79
N ARG A 109 -20.47 12.91 1.13
CA ARG A 109 -19.68 14.06 1.60
C ARG A 109 -19.41 15.13 0.53
N SER A 110 -18.94 14.72 -0.65
CA SER A 110 -18.67 15.70 -1.69
C SER A 110 -18.48 15.09 -3.07
N SER A 111 -18.48 15.97 -4.08
CA SER A 111 -18.32 15.58 -5.47
C SER A 111 -17.35 16.53 -6.17
N GLN A 112 -16.52 15.96 -7.03
CA GLN A 112 -15.62 16.75 -7.86
C GLN A 112 -15.82 16.39 -9.33
N VAL A 113 -15.88 17.42 -10.18
CA VAL A 113 -15.96 17.23 -11.63
C VAL A 113 -14.61 17.55 -12.29
N ARG A 114 -14.31 16.79 -13.34
CA ARG A 114 -13.05 16.90 -14.07
C ARG A 114 -13.31 16.66 -15.56
N GLU A 115 -12.43 17.21 -16.41
CA GLU A 115 -12.51 16.98 -17.85
C GLU A 115 -11.17 16.50 -18.41
N HIS A 116 -10.09 16.87 -17.72
CA HIS A 116 -8.72 16.56 -18.15
C HIS A 116 -8.51 15.08 -18.49
N PRO A 117 -8.54 14.78 -19.78
CA PRO A 117 -8.31 13.43 -20.32
C PRO A 117 -9.22 12.36 -19.70
N GLN A 118 -10.44 12.74 -19.33
CA GLN A 118 -11.39 11.82 -18.70
C GLN A 118 -12.85 12.26 -18.84
N LYS A 119 -13.19 13.44 -18.29
CA LYS A 119 -14.58 13.88 -18.16
C LYS A 119 -15.35 12.97 -17.19
N CYS A 120 -15.08 13.16 -15.90
CA CYS A 120 -15.59 12.28 -14.85
C CYS A 120 -16.07 13.04 -13.61
N VAL A 121 -17.07 12.49 -12.94
CA VAL A 121 -17.51 12.97 -11.63
C VAL A 121 -17.18 11.94 -10.53
N THR A 122 -16.47 12.37 -9.49
CA THR A 122 -16.09 11.49 -8.38
C THR A 122 -16.82 11.88 -7.10
N HIS A 123 -17.54 10.94 -6.52
CA HIS A 123 -18.28 11.14 -5.27
C HIS A 123 -17.56 10.47 -4.08
N PHE A 124 -17.30 11.26 -3.02
CA PHE A 124 -16.60 10.79 -1.84
C PHE A 124 -17.53 10.60 -0.64
N TYR A 125 -17.44 9.43 0.00
CA TYR A 125 -18.25 9.08 1.14
C TYR A 125 -17.36 8.80 2.33
N ILE A 126 -17.88 9.02 3.52
CA ILE A 126 -17.18 8.71 4.77
C ILE A 126 -18.16 7.98 5.66
N LYS A 127 -17.75 6.84 6.20
CA LYS A 127 -18.60 6.07 7.09
C LYS A 127 -17.86 5.41 8.24
N GLU A 128 -18.31 5.69 9.45
CA GLU A 128 -17.73 5.06 10.63
C GLU A 128 -18.31 3.68 10.85
N LEU A 129 -17.44 2.73 11.19
CA LEU A 129 -17.83 1.39 11.55
C LEU A 129 -17.15 1.04 12.88
N LYS A 130 -17.50 -0.11 13.43
CA LYS A 130 -16.82 -0.62 14.62
C LYS A 130 -15.45 -1.16 14.21
N LEU A 131 -14.49 -1.09 15.12
CA LEU A 131 -13.15 -1.62 14.89
C LEU A 131 -13.20 -3.07 14.41
N GLU A 132 -14.01 -3.90 15.06
CA GLU A 132 -14.06 -5.31 14.68
C GLU A 132 -14.67 -5.48 13.28
N GLU A 133 -15.52 -4.55 12.88
CA GLU A 133 -16.05 -4.57 11.53
C GLU A 133 -14.94 -4.29 10.51
N ILE A 134 -14.10 -3.29 10.80
CA ILE A 134 -12.93 -2.99 9.97
C ILE A 134 -12.02 -4.22 9.90
N GLU A 135 -11.77 -4.80 11.06
CA GLU A 135 -10.90 -5.97 11.14
C GLU A 135 -11.46 -7.14 10.31
N ARG A 136 -12.76 -7.35 10.41
CA ARG A 136 -13.44 -8.38 9.63
C ARG A 136 -13.26 -8.12 8.11
N ILE A 137 -13.50 -6.89 7.68
CA ILE A 137 -13.34 -6.53 6.27
C ILE A 137 -11.91 -6.84 5.80
N GLU A 138 -10.92 -6.48 6.63
CA GLU A 138 -9.52 -6.74 6.27
C GLU A 138 -9.29 -8.24 6.08
N ALA A 139 -9.81 -9.05 6.98
CA ALA A 139 -9.67 -10.49 6.90
C ALA A 139 -10.34 -11.04 5.63
N GLU A 140 -11.53 -10.56 5.32
CA GLU A 140 -12.26 -11.06 4.16
C GLU A 140 -11.78 -10.47 2.84
N ALA A 141 -11.06 -9.34 2.89
CA ALA A 141 -10.62 -8.67 1.66
C ALA A 141 -9.74 -9.57 0.79
N VAL A 142 -8.99 -10.45 1.42
CA VAL A 142 -8.08 -11.34 0.71
C VAL A 142 -8.82 -12.33 -0.17
N ASN A 143 -10.10 -12.55 0.11
CA ASN A 143 -10.90 -13.48 -0.69
C ASN A 143 -11.94 -12.76 -1.53
N ALA A 144 -11.85 -11.42 -1.59
CA ALA A 144 -12.72 -10.62 -2.44
C ALA A 144 -12.42 -10.92 -3.91
N LYS A 145 -13.42 -10.72 -4.76
CA LYS A 145 -13.27 -10.88 -6.21
C LYS A 145 -12.09 -10.08 -6.78
N ASP A 146 -11.95 -8.84 -6.33
CA ASP A 146 -10.90 -7.95 -6.87
C ASP A 146 -9.50 -8.15 -6.27
N HIS A 147 -9.36 -9.04 -5.29
CA HIS A 147 -8.05 -9.22 -4.65
C HIS A 147 -7.00 -9.75 -5.62
N GLY A 148 -5.86 -9.08 -5.69
CA GLY A 148 -4.79 -9.49 -6.57
C GLY A 148 -5.03 -9.01 -7.99
N LEU A 149 -6.12 -8.25 -8.18
CA LEU A 149 -6.47 -7.72 -9.48
C LEU A 149 -6.65 -6.23 -9.34
N GLU A 150 -7.89 -5.74 -9.30
CA GLU A 150 -8.13 -4.31 -9.12
C GLU A 150 -7.59 -3.81 -7.77
N VAL A 151 -7.58 -4.70 -6.78
CA VAL A 151 -7.12 -4.38 -5.44
C VAL A 151 -5.88 -5.17 -5.11
N MET A 152 -4.77 -4.46 -4.90
CA MET A 152 -3.47 -5.11 -4.63
C MET A 152 -3.11 -5.20 -3.13
N GLY A 153 -4.00 -4.71 -2.29
CA GLY A 153 -3.87 -4.87 -0.85
C GLY A 153 -4.43 -3.65 -0.12
N LEU A 154 -4.97 -3.88 1.07
CA LEU A 154 -5.52 -2.81 1.89
C LEU A 154 -4.42 -2.28 2.76
N ILE A 155 -4.49 -1.00 3.10
CA ILE A 155 -3.52 -0.40 4.01
C ILE A 155 -4.22 0.51 4.98
N ARG A 156 -3.61 0.74 6.13
CA ARG A 156 -4.16 1.71 7.07
C ARG A 156 -3.34 2.98 6.97
N VAL A 157 -4.01 4.13 7.12
CA VAL A 157 -3.34 5.43 7.02
C VAL A 157 -2.72 5.80 8.38
N PRO A 158 -1.40 6.00 8.43
CA PRO A 158 -0.81 6.48 9.69
C PRO A 158 -1.20 7.96 9.91
N LEU A 159 -1.79 8.26 11.07
CA LEU A 159 -2.30 9.59 11.40
C LEU A 159 -1.32 10.46 12.21
N TYR A 160 -0.37 9.79 12.86
CA TYR A 160 0.62 10.42 13.70
C TYR A 160 1.82 10.88 12.87
N THR A 161 2.62 11.75 13.48
CA THR A 161 3.88 12.17 12.87
C THR A 161 4.97 11.76 13.86
N LEU A 162 5.95 11.01 13.37
CA LEU A 162 7.03 10.47 14.21
C LEU A 162 8.02 11.56 14.67
N ARG A 163 8.93 11.17 15.56
CA ARG A 163 9.87 12.11 16.18
C ARG A 163 10.71 12.93 15.19
N ASP A 164 11.09 12.32 14.06
CA ASP A 164 11.89 13.03 13.07
C ASP A 164 11.02 14.03 12.30
N ARG A 165 9.72 14.09 12.64
CA ARG A 165 8.80 15.08 12.07
C ARG A 165 8.46 14.88 10.60
N VAL A 166 8.76 13.69 10.08
CA VAL A 166 8.40 13.33 8.71
C VAL A 166 7.75 11.97 8.61
N GLY A 167 8.26 11.00 9.36
CA GLY A 167 7.72 9.66 9.36
C GLY A 167 6.26 9.63 9.80
N GLY A 168 5.49 8.77 9.18
CA GLY A 168 4.09 8.65 9.51
C GLY A 168 3.31 9.35 8.44
N LEU A 169 2.36 10.19 8.84
CA LEU A 169 1.48 10.84 7.87
C LEU A 169 2.18 11.68 6.79
N PRO A 170 3.12 12.55 7.15
CA PRO A 170 3.80 13.33 6.10
C PRO A 170 4.54 12.48 5.06
N ALA A 171 5.29 11.49 5.48
CA ALA A 171 5.91 10.58 4.49
C ALA A 171 4.83 9.81 3.74
N PHE A 172 3.79 9.42 4.47
CA PHE A 172 2.69 8.70 3.81
C PHE A 172 2.11 9.51 2.64
N LEU A 173 1.97 10.82 2.85
CA LEU A 173 1.47 11.75 1.83
C LEU A 173 2.38 11.93 0.59
N CYS A 174 3.60 11.40 0.65
CA CYS A 174 4.48 11.46 -0.51
C CYS A 174 4.27 10.26 -1.43
N ASN A 175 3.38 9.33 -1.06
CA ASN A 175 3.08 8.24 -1.98
C ASN A 175 2.35 8.71 -3.23
N ASN A 176 2.08 7.79 -4.16
CA ASN A 176 1.42 8.13 -5.41
C ASN A 176 -0.09 7.86 -5.31
N PHE A 177 -0.87 8.95 -5.27
CA PHE A 177 -2.32 8.84 -5.11
C PHE A 177 -3.08 9.04 -6.42
N ILE A 178 -4.15 8.25 -6.62
CA ILE A 178 -4.98 8.39 -7.82
C ILE A 178 -5.88 9.64 -7.75
N GLY A 179 -6.09 10.30 -8.89
CA GLY A 179 -7.00 11.43 -9.01
C GLY A 179 -6.96 12.42 -7.86
N ASN A 180 -8.09 12.60 -7.19
CA ASN A 180 -8.14 13.53 -6.06
C ASN A 180 -8.21 12.81 -4.70
N SER A 181 -7.85 11.53 -4.68
CA SER A 181 -7.92 10.75 -3.42
C SER A 181 -7.12 11.42 -2.30
N LYS A 182 -6.01 12.07 -2.65
CA LYS A 182 -5.23 12.79 -1.66
C LYS A 182 -5.99 13.99 -1.09
N SER A 183 -6.66 14.76 -1.95
CA SER A 183 -7.53 15.83 -1.44
C SER A 183 -8.65 15.28 -0.56
N GLN A 184 -9.25 14.17 -1.00
CA GLN A 184 -10.32 13.54 -0.24
C GLN A 184 -9.81 13.13 1.16
N LEU A 185 -8.58 12.61 1.22
CA LEU A 185 -8.05 12.18 2.52
C LEU A 185 -7.89 13.39 3.44
N LEU A 186 -7.35 14.47 2.90
CA LEU A 186 -7.14 15.70 3.66
C LEU A 186 -8.49 16.22 4.15
N TYR A 187 -9.48 16.20 3.26
CA TYR A 187 -10.83 16.59 3.61
C TYR A 187 -11.33 15.79 4.82
N ALA A 188 -11.14 14.48 4.78
CA ALA A 188 -11.54 13.61 5.88
C ALA A 188 -10.82 13.91 7.19
N LEU A 189 -9.51 14.15 7.13
CA LEU A 189 -8.76 14.44 8.36
C LEU A 189 -9.34 15.67 9.03
N ARG A 190 -9.79 16.62 8.21
CA ARG A 190 -10.45 17.83 8.70
C ARG A 190 -11.84 17.55 9.26
N SER A 191 -12.72 16.94 8.45
CA SER A 191 -14.12 16.75 8.83
C SER A 191 -14.29 15.81 10.02
N LEU A 192 -13.33 14.91 10.22
CA LEU A 192 -13.35 14.00 11.36
C LEU A 192 -12.65 14.57 12.58
N LYS A 193 -12.14 15.80 12.45
CA LYS A 193 -11.46 16.49 13.55
C LYS A 193 -10.24 15.74 14.04
N LEU A 194 -9.52 15.12 13.12
CA LEU A 194 -8.29 14.45 13.49
C LEU A 194 -7.15 15.45 13.53
N LEU A 195 -7.18 16.41 12.59
CA LEU A 195 -6.15 17.45 12.52
C LEU A 195 -6.82 18.78 12.21
N ARG A 196 -6.32 19.86 12.79
CA ARG A 196 -6.75 21.21 12.41
C ARG A 196 -6.16 21.58 11.06
N GLU A 197 -6.66 22.66 10.44
CA GLU A 197 -6.10 23.14 9.18
C GLU A 197 -4.60 23.44 9.28
N ASP A 198 -4.17 24.07 10.37
CA ASP A 198 -2.75 24.39 10.52
C ASP A 198 -1.88 23.13 10.66
N GLN A 199 -2.43 22.08 11.27
CA GLN A 199 -1.75 20.79 11.39
C GLN A 199 -1.68 20.11 10.04
N ILE A 200 -2.77 20.18 9.28
CA ILE A 200 -2.77 19.67 7.92
C ILE A 200 -1.73 20.39 7.06
N GLN A 201 -1.65 21.71 7.19
CA GLN A 201 -0.67 22.49 6.42
C GLN A 201 0.74 22.10 6.81
N GLU A 202 0.94 21.81 8.09
CA GLU A 202 2.25 21.36 8.57
C GLU A 202 2.66 20.01 7.99
N VAL A 203 1.74 19.04 7.95
CA VAL A 203 2.09 17.70 7.43
C VAL A 203 2.43 17.77 5.95
N LEU A 204 1.73 18.66 5.24
CA LEU A 204 1.98 18.89 3.81
C LEU A 204 3.33 19.53 3.61
N LYS A 205 3.68 20.46 4.49
CA LYS A 205 4.96 21.16 4.44
C LYS A 205 6.10 20.18 4.70
N ALA A 206 5.95 19.38 5.76
CA ALA A 206 6.96 18.36 6.11
C ALA A 206 7.11 17.29 5.03
N SER A 207 6.00 16.96 4.35
CA SER A 207 6.04 15.99 3.26
C SER A 207 6.71 16.57 2.01
N HIS A 208 6.48 17.86 1.73
CA HIS A 208 7.15 18.54 0.62
C HIS A 208 8.64 18.81 0.90
N ARG A 209 9.05 18.70 2.16
CA ARG A 209 10.47 18.77 2.51
C ARG A 209 11.12 17.39 2.38
N PRO B 18 23.65 1.47 -0.30
CA PRO B 18 24.53 2.45 -1.03
C PRO B 18 25.75 1.79 -1.71
N ARG B 19 26.43 0.89 -1.00
CA ARG B 19 27.62 0.24 -1.52
C ARG B 19 27.55 -1.29 -1.36
N ASN B 20 27.85 -2.02 -2.44
CA ASN B 20 27.88 -3.49 -2.40
C ASN B 20 28.98 -4.03 -1.48
N ILE B 21 28.76 -5.22 -0.93
CA ILE B 21 29.70 -5.90 -0.04
C ILE B 21 29.32 -7.37 0.07
N SER B 22 30.30 -8.26 0.18
CA SER B 22 30.01 -9.67 0.31
C SER B 22 29.43 -9.98 1.69
N ARG B 23 28.63 -11.03 1.76
CA ARG B 23 28.07 -11.46 3.04
C ARG B 23 29.19 -11.67 4.08
N GLU B 24 30.12 -12.56 3.73
CA GLU B 24 31.25 -12.91 4.59
C GLU B 24 32.00 -11.67 5.06
N GLU B 25 32.25 -10.74 4.15
CA GLU B 25 32.93 -9.50 4.47
C GLU B 25 32.14 -8.72 5.50
N SER B 26 30.89 -8.41 5.17
CA SER B 26 30.00 -7.67 6.08
C SER B 26 29.89 -8.35 7.45
N LEU B 27 30.00 -9.68 7.50
CA LEU B 27 29.90 -10.38 8.79
C LEU B 27 31.17 -10.28 9.66
N GLN B 28 32.27 -9.83 9.06
CA GLN B 28 33.53 -9.64 9.81
C GLN B 28 33.57 -8.25 10.42
N LEU B 29 32.74 -7.34 9.93
CA LEU B 29 32.76 -5.95 10.39
C LEU B 29 32.44 -5.87 11.88
N GLU B 30 32.79 -4.73 12.47
CA GLU B 30 32.53 -4.43 13.87
C GLU B 30 31.86 -3.06 13.96
N GLY B 31 30.90 -2.93 14.88
CA GLY B 31 30.21 -1.67 15.10
C GLY B 31 29.15 -1.33 14.05
N TYR B 32 28.70 -2.34 13.31
CA TYR B 32 27.67 -2.12 12.29
C TYR B 32 26.31 -2.67 12.72
N LYS B 33 25.26 -1.93 12.37
CA LYS B 33 23.89 -2.36 12.57
C LYS B 33 23.48 -3.24 11.37
N HIS B 34 22.93 -4.43 11.63
CA HIS B 34 22.50 -5.32 10.54
C HIS B 34 20.97 -5.38 10.44
N ALA B 35 20.47 -5.51 9.22
CA ALA B 35 19.04 -5.65 8.96
C ALA B 35 18.83 -6.63 7.81
N CYS B 36 17.82 -7.48 7.94
CA CYS B 36 17.51 -8.44 6.90
C CYS B 36 16.08 -8.23 6.43
N HIS B 37 15.91 -8.18 5.10
CA HIS B 37 14.60 -8.00 4.45
C HIS B 37 14.44 -9.05 3.34
N ALA B 38 13.20 -9.44 3.08
CA ALA B 38 12.96 -10.47 2.07
C ALA B 38 11.81 -10.18 1.13
N LEU B 39 12.01 -10.62 -0.11
CA LEU B 39 10.98 -10.63 -1.14
C LEU B 39 10.50 -12.07 -1.25
N LEU B 40 9.21 -12.26 -1.02
CA LEU B 40 8.60 -13.57 -1.17
C LEU B 40 7.75 -13.40 -2.39
N HIS B 41 7.80 -14.38 -3.28
CA HIS B 41 7.07 -14.27 -4.53
C HIS B 41 6.64 -15.65 -5.00
N ALA B 42 5.68 -15.66 -5.91
CA ALA B 42 5.10 -16.87 -6.46
C ALA B 42 4.52 -16.60 -7.86
N PRO B 43 4.63 -17.57 -8.77
CA PRO B 43 4.08 -17.40 -10.13
C PRO B 43 2.57 -17.38 -10.06
N SER B 44 1.94 -16.69 -10.99
CA SER B 44 0.49 -16.61 -11.04
C SER B 44 0.00 -16.60 -12.48
N GLN B 45 -1.10 -17.31 -12.73
CA GLN B 45 -1.70 -17.34 -14.08
C GLN B 45 -2.82 -16.33 -14.23
N ALA B 46 -3.07 -15.54 -13.17
CA ALA B 46 -4.16 -14.55 -13.20
C ALA B 46 -3.93 -13.45 -14.23
N LYS B 47 -5.02 -12.85 -14.69
CA LYS B 47 -4.95 -11.77 -15.67
C LYS B 47 -5.85 -10.62 -15.25
N LEU B 48 -5.26 -9.44 -15.10
CA LEU B 48 -6.03 -8.25 -14.74
C LEU B 48 -6.98 -7.92 -15.90
N PHE B 49 -8.26 -7.75 -15.59
CA PHE B 49 -9.29 -7.47 -16.61
C PHE B 49 -9.37 -8.60 -17.65
N ASP B 50 -8.89 -9.79 -17.29
CA ASP B 50 -8.83 -10.94 -18.20
C ASP B 50 -7.88 -10.79 -19.40
N ARG B 51 -7.08 -9.73 -19.42
CA ARG B 51 -6.17 -9.48 -20.53
C ARG B 51 -4.70 -9.30 -20.14
N VAL B 52 -4.46 -8.68 -18.98
CA VAL B 52 -3.10 -8.33 -18.57
C VAL B 52 -2.54 -9.31 -17.55
N PRO B 53 -1.61 -10.17 -17.96
CA PRO B 53 -1.04 -11.17 -17.03
C PRO B 53 -0.36 -10.54 -15.81
N ILE B 54 -0.69 -11.10 -14.65
CA ILE B 54 -0.08 -10.73 -13.39
C ILE B 54 1.35 -11.26 -13.42
N ARG B 55 1.50 -12.46 -13.99
CA ARG B 55 2.78 -13.16 -14.13
C ARG B 55 3.33 -13.68 -12.80
N ARG B 56 3.53 -12.77 -11.84
CA ARG B 56 4.10 -13.16 -10.56
C ARG B 56 3.67 -12.23 -9.44
N VAL B 57 3.38 -12.81 -8.27
CA VAL B 57 3.01 -12.06 -7.08
C VAL B 57 4.26 -11.73 -6.24
N LEU B 58 4.56 -10.44 -6.08
CA LEU B 58 5.68 -9.96 -5.25
C LEU B 58 5.12 -9.17 -4.07
N LEU B 59 5.49 -9.57 -2.86
CA LEU B 59 4.96 -8.97 -1.65
C LEU B 59 5.83 -7.88 -1.08
N MET B 60 5.20 -6.75 -0.83
CA MET B 60 5.85 -5.68 -0.07
C MET B 60 4.81 -5.26 0.99
N MET B 61 5.15 -4.28 1.80
CA MET B 61 4.25 -3.81 2.84
CA MET B 61 4.19 -3.77 2.77
C MET B 61 4.31 -2.29 3.01
C MET B 61 4.29 -2.28 2.97
N MET B 62 3.27 -1.73 3.61
CA MET B 62 3.24 -0.33 4.01
C MET B 62 3.71 -0.37 5.46
N ARG B 63 4.74 0.40 5.77
CA ARG B 63 5.27 0.46 7.12
C ARG B 63 4.56 1.48 8.01
N PHE B 64 4.78 1.36 9.32
CA PHE B 64 4.32 2.36 10.29
C PHE B 64 4.77 3.77 9.90
N ASP B 65 5.88 3.90 9.19
CA ASP B 65 6.36 5.26 8.88
C ASP B 65 5.82 5.83 7.58
N GLY B 66 4.82 5.15 7.02
CA GLY B 66 4.15 5.66 5.83
C GLY B 66 4.90 5.33 4.56
N ARG B 67 5.90 4.45 4.65
CA ARG B 67 6.67 4.10 3.46
C ARG B 67 6.50 2.63 3.08
N LEU B 68 6.74 2.32 1.82
CA LEU B 68 6.74 0.92 1.36
C LEU B 68 8.10 0.32 1.66
N GLY B 69 8.12 -0.99 1.91
CA GLY B 69 9.38 -1.67 2.16
C GLY B 69 9.13 -3.17 2.10
N PHE B 70 10.21 -3.94 2.20
CA PHE B 70 10.10 -5.38 2.23
C PHE B 70 10.01 -5.82 3.68
N PRO B 71 9.33 -6.92 3.97
CA PRO B 71 9.28 -7.38 5.35
C PRO B 71 10.66 -7.78 5.86
N GLY B 72 10.91 -7.56 7.14
CA GLY B 72 12.20 -7.88 7.70
C GLY B 72 12.53 -6.83 8.74
N GLY B 73 13.79 -6.72 9.13
CA GLY B 73 14.15 -5.76 10.16
C GLY B 73 15.54 -5.97 10.74
N PHE B 74 15.84 -5.23 11.80
CA PHE B 74 17.14 -5.28 12.47
C PHE B 74 17.43 -6.63 13.09
N VAL B 75 18.69 -7.05 13.03
CA VAL B 75 19.13 -8.34 13.56
C VAL B 75 20.46 -8.17 14.29
N ASP B 76 20.48 -8.53 15.57
CA ASP B 76 21.69 -8.49 16.37
C ASP B 76 22.55 -9.74 16.14
N THR B 77 23.54 -9.58 15.26
CA THR B 77 24.42 -10.68 14.85
C THR B 77 25.24 -11.35 15.98
N ARG B 78 25.43 -10.66 17.09
CA ARG B 78 26.16 -11.26 18.22
C ARG B 78 25.29 -12.24 19.00
N ASP B 79 23.97 -12.03 18.90
CA ASP B 79 22.99 -12.88 19.59
C ASP B 79 22.55 -14.05 18.70
N ILE B 80 22.14 -13.74 17.47
CA ILE B 80 21.60 -14.75 16.58
C ILE B 80 22.09 -14.56 15.14
N SER B 81 21.97 -15.60 14.34
CA SER B 81 22.34 -15.53 12.93
C SER B 81 21.42 -14.58 12.14
N LEU B 82 21.84 -14.22 10.93
CA LEU B 82 21.03 -13.38 10.06
C LEU B 82 19.71 -14.06 9.70
N GLU B 83 19.77 -15.37 9.45
CA GLU B 83 18.58 -16.15 9.09
C GLU B 83 17.62 -16.28 10.27
N GLU B 84 18.16 -16.46 11.48
CA GLU B 84 17.30 -16.60 12.65
C GLU B 84 16.55 -15.28 12.92
N GLY B 85 17.28 -14.17 12.85
CA GLY B 85 16.71 -12.85 13.05
C GLY B 85 15.64 -12.52 12.01
N LEU B 86 15.91 -12.83 10.75
CA LEU B 86 14.96 -12.59 9.69
C LEU B 86 13.68 -13.38 9.98
N LYS B 87 13.86 -14.66 10.28
CA LYS B 87 12.76 -15.55 10.58
C LYS B 87 11.86 -14.97 11.69
N ARG B 88 12.48 -14.49 12.77
CA ARG B 88 11.70 -13.96 13.88
C ARG B 88 10.93 -12.70 13.45
N GLU B 89 11.56 -11.86 12.65
CA GLU B 89 10.92 -10.65 12.18
C GLU B 89 9.79 -10.98 11.19
N LEU B 90 9.99 -11.95 10.32
CA LEU B 90 8.94 -12.31 9.37
C LEU B 90 7.69 -12.82 10.08
N GLU B 91 7.88 -13.60 11.14
CA GLU B 91 6.76 -14.14 11.86
C GLU B 91 5.96 -13.01 12.53
N GLU B 92 6.65 -12.10 13.19
CA GLU B 92 5.99 -10.95 13.82
C GLU B 92 5.21 -10.10 12.81
N GLU B 93 5.81 -9.91 11.64
CA GLU B 93 5.24 -9.05 10.62
C GLU B 93 4.17 -9.73 9.77
N LEU B 94 4.38 -10.99 9.45
CA LEU B 94 3.52 -11.67 8.49
C LEU B 94 2.62 -12.72 9.12
N GLY B 95 2.93 -13.13 10.34
CA GLY B 95 2.09 -14.11 11.01
C GLY B 95 2.66 -15.51 11.00
N PRO B 96 1.96 -16.42 11.69
CA PRO B 96 2.39 -17.82 11.84
C PRO B 96 2.48 -18.57 10.51
N ALA B 97 1.79 -18.09 9.48
CA ALA B 97 1.94 -18.65 8.14
C ALA B 97 3.43 -18.77 7.77
N LEU B 98 4.25 -17.87 8.32
CA LEU B 98 5.70 -17.89 8.08
C LEU B 98 6.44 -18.98 8.86
N ALA B 99 5.81 -19.53 9.90
CA ALA B 99 6.35 -20.67 10.65
C ALA B 99 6.55 -21.90 9.75
N THR B 100 5.71 -22.04 8.71
CA THR B 100 5.86 -23.12 7.73
C THR B 100 6.80 -22.73 6.59
N VAL B 101 7.33 -21.50 6.62
CA VAL B 101 8.22 -21.03 5.56
C VAL B 101 9.63 -20.83 6.10
N GLU B 102 10.60 -21.45 5.44
CA GLU B 102 11.99 -21.36 5.87
C GLU B 102 12.84 -20.52 4.91
N VAL B 103 13.12 -19.28 5.29
CA VAL B 103 14.04 -18.46 4.49
C VAL B 103 15.45 -18.75 4.98
N THR B 104 16.25 -19.41 4.15
CA THR B 104 17.59 -19.87 4.56
C THR B 104 18.72 -19.11 3.88
N GLU B 105 19.95 -19.52 4.17
CA GLU B 105 21.13 -18.96 3.53
C GLU B 105 21.12 -19.04 2.02
N ASP B 106 20.50 -20.09 1.47
CA ASP B 106 20.39 -20.25 0.02
C ASP B 106 19.46 -19.20 -0.61
N ASP B 107 18.62 -18.60 0.23
CA ASP B 107 17.71 -17.53 -0.20
C ASP B 107 18.37 -16.16 -0.14
N TYR B 108 19.55 -16.09 0.48
CA TYR B 108 20.30 -14.84 0.60
C TYR B 108 20.75 -14.39 -0.78
N ARG B 109 20.72 -13.08 -1.03
CA ARG B 109 21.06 -12.56 -2.34
C ARG B 109 22.18 -11.55 -2.31
N SER B 110 22.03 -10.50 -1.51
CA SER B 110 23.04 -9.45 -1.51
C SER B 110 23.03 -8.61 -0.25
N SER B 111 24.11 -7.88 -0.06
CA SER B 111 24.28 -7.01 1.08
C SER B 111 24.79 -5.66 0.61
N GLN B 112 24.31 -4.59 1.24
CA GLN B 112 24.82 -3.26 0.96
C GLN B 112 25.22 -2.62 2.29
N VAL B 113 26.21 -1.74 2.24
CA VAL B 113 26.75 -1.12 3.44
C VAL B 113 26.77 0.41 3.36
N ARG B 114 26.58 1.03 4.51
CA ARG B 114 26.55 2.48 4.67
C ARG B 114 27.34 2.84 5.92
N GLU B 115 27.97 4.01 5.93
CA GLU B 115 28.64 4.53 7.13
C GLU B 115 27.94 5.76 7.70
N HIS B 116 27.32 6.55 6.81
CA HIS B 116 26.57 7.75 7.17
C HIS B 116 25.15 7.57 6.65
N PRO B 117 24.13 7.92 7.44
CA PRO B 117 24.26 8.55 8.76
C PRO B 117 24.78 7.65 9.88
N GLN B 118 24.45 6.35 9.81
CA GLN B 118 24.93 5.38 10.79
C GLN B 118 25.49 4.14 10.09
N LYS B 119 26.40 3.45 10.76
CA LYS B 119 26.98 2.23 10.23
C LYS B 119 25.89 1.14 10.11
N CYS B 120 25.45 0.90 8.88
CA CYS B 120 24.37 -0.05 8.62
C CYS B 120 24.65 -0.97 7.42
N VAL B 121 24.41 -2.26 7.64
CA VAL B 121 24.46 -3.27 6.62
C VAL B 121 23.02 -3.79 6.45
N THR B 122 22.56 -3.81 5.19
CA THR B 122 21.26 -4.34 4.85
C THR B 122 21.39 -5.57 3.95
N HIS B 123 20.80 -6.68 4.37
CA HIS B 123 20.88 -7.92 3.62
C HIS B 123 19.52 -8.20 2.96
N PHE B 124 19.56 -8.56 1.69
CA PHE B 124 18.34 -8.80 0.94
C PHE B 124 18.25 -10.27 0.56
N TYR B 125 17.10 -10.88 0.85
CA TYR B 125 16.83 -12.27 0.54
C TYR B 125 15.69 -12.35 -0.48
N ILE B 126 15.72 -13.38 -1.34
CA ILE B 126 14.62 -13.61 -2.28
C ILE B 126 14.23 -15.06 -2.20
N LYS B 127 12.95 -15.32 -1.91
CA LYS B 127 12.45 -16.69 -1.84
C LYS B 127 11.15 -16.92 -2.61
N GLU B 128 11.19 -17.88 -3.53
CA GLU B 128 10.01 -18.27 -4.29
C GLU B 128 9.18 -19.23 -3.47
N LEU B 129 7.86 -19.04 -3.50
CA LEU B 129 6.93 -19.94 -2.86
C LEU B 129 5.85 -20.34 -3.86
N LYS B 130 4.96 -21.25 -3.46
CA LYS B 130 3.78 -21.58 -4.25
C LYS B 130 2.75 -20.47 -4.03
N LEU B 131 1.94 -20.22 -5.05
CA LEU B 131 0.89 -19.20 -4.97
C LEU B 131 -0.01 -19.39 -3.74
N GLU B 132 -0.40 -20.63 -3.47
CA GLU B 132 -1.23 -20.92 -2.29
C GLU B 132 -0.53 -20.52 -0.98
N GLU B 133 0.79 -20.62 -0.93
CA GLU B 133 1.54 -20.20 0.26
C GLU B 133 1.49 -18.67 0.40
N ILE B 134 1.70 -17.96 -0.70
CA ILE B 134 1.57 -16.50 -0.71
C ILE B 134 0.16 -16.11 -0.27
N GLU B 135 -0.87 -16.77 -0.81
CA GLU B 135 -2.24 -16.41 -0.47
C GLU B 135 -2.52 -16.65 1.01
N ARG B 136 -1.94 -17.72 1.55
CA ARG B 136 -2.12 -18.05 2.96
C ARG B 136 -1.41 -17.03 3.84
N ILE B 137 -0.26 -16.53 3.38
CA ILE B 137 0.49 -15.52 4.11
C ILE B 137 -0.36 -14.24 4.22
N GLU B 138 -0.97 -13.83 3.10
CA GLU B 138 -1.83 -12.65 3.08
C GLU B 138 -3.02 -12.82 4.01
N ALA B 139 -3.59 -14.03 4.05
CA ALA B 139 -4.77 -14.30 4.86
C ALA B 139 -4.46 -14.19 6.35
N GLU B 140 -3.26 -14.59 6.73
CA GLU B 140 -2.87 -14.66 8.14
C GLU B 140 -2.08 -13.44 8.59
N ALA B 141 -1.64 -12.62 7.64
CA ALA B 141 -0.94 -11.38 8.00
C ALA B 141 -1.83 -10.43 8.81
N VAL B 142 -3.14 -10.50 8.61
CA VAL B 142 -4.08 -9.64 9.33
C VAL B 142 -4.14 -10.03 10.79
N ASN B 143 -3.66 -11.22 11.10
CA ASN B 143 -3.58 -11.69 12.48
CA ASN B 143 -3.62 -11.68 12.49
C ASN B 143 -2.19 -11.67 13.03
C ASN B 143 -2.21 -11.66 13.03
N ALA B 144 -1.27 -11.11 12.26
CA ALA B 144 0.11 -10.97 12.72
C ALA B 144 0.14 -10.00 13.90
N LYS B 145 1.11 -10.18 14.79
CA LYS B 145 1.34 -9.32 15.93
C LYS B 145 1.47 -7.84 15.53
N ASP B 146 2.16 -7.58 14.42
CA ASP B 146 2.48 -6.24 13.96
C ASP B 146 1.39 -5.59 13.10
N HIS B 147 0.35 -6.33 12.75
CA HIS B 147 -0.71 -5.77 11.91
C HIS B 147 -1.41 -4.58 12.56
N GLY B 148 -1.49 -3.47 11.85
CA GLY B 148 -2.11 -2.26 12.40
C GLY B 148 -1.15 -1.46 13.28
N LEU B 149 0.10 -1.88 13.34
CA LEU B 149 1.13 -1.19 14.14
C LEU B 149 2.39 -1.02 13.31
N GLU B 150 3.38 -1.91 13.49
CA GLU B 150 4.62 -1.79 12.70
C GLU B 150 4.34 -1.97 11.20
N VAL B 151 3.32 -2.76 10.89
CA VAL B 151 2.93 -3.10 9.53
C VAL B 151 1.51 -2.58 9.27
N MET B 152 1.36 -1.68 8.30
CA MET B 152 0.03 -1.10 8.04
C MET B 152 -0.72 -1.82 6.91
N GLY B 153 -0.13 -2.85 6.32
CA GLY B 153 -0.84 -3.67 5.34
C GLY B 153 0.10 -4.26 4.30
N LEU B 154 -0.26 -5.41 3.72
CA LEU B 154 0.56 -6.05 2.72
C LEU B 154 0.08 -5.65 1.33
N ILE B 155 0.99 -5.48 0.39
CA ILE B 155 0.57 -5.12 -0.96
C ILE B 155 1.32 -5.99 -1.96
N ARG B 156 0.73 -6.16 -3.13
CA ARG B 156 1.37 -6.87 -4.22
C ARG B 156 1.90 -5.83 -5.20
N VAL B 157 3.07 -6.10 -5.77
CA VAL B 157 3.71 -5.20 -6.73
C VAL B 157 3.22 -5.45 -8.18
N PRO B 158 2.56 -4.47 -8.82
CA PRO B 158 2.15 -4.70 -10.22
C PRO B 158 3.38 -4.74 -11.12
N LEU B 159 3.47 -5.78 -11.93
CA LEU B 159 4.65 -6.01 -12.77
C LEU B 159 4.50 -5.49 -14.19
N TYR B 160 3.25 -5.25 -14.60
CA TYR B 160 2.88 -4.82 -15.94
C TYR B 160 2.86 -3.29 -16.01
N THR B 161 2.86 -2.81 -17.23
CA THR B 161 2.64 -1.41 -17.52
C THR B 161 1.34 -1.40 -18.33
N LEU B 162 0.39 -0.55 -17.97
CA LEU B 162 -0.87 -0.43 -18.73
C LEU B 162 -0.68 0.38 -20.04
N ARG B 163 -1.76 0.53 -20.79
CA ARG B 163 -1.74 1.16 -22.11
C ARG B 163 -1.32 2.62 -22.11
N ASP B 164 -1.66 3.35 -21.05
CA ASP B 164 -1.28 4.76 -20.98
C ASP B 164 0.21 4.88 -20.72
N ARG B 165 0.89 3.73 -20.65
CA ARG B 165 2.34 3.65 -20.46
C ARG B 165 2.86 4.12 -19.10
N VAL B 166 1.95 4.42 -18.16
CA VAL B 166 2.33 4.86 -16.81
C VAL B 166 1.74 3.96 -15.72
N GLY B 167 0.43 3.67 -15.81
CA GLY B 167 -0.22 2.80 -14.85
C GLY B 167 0.51 1.48 -14.61
N GLY B 168 0.50 1.01 -13.37
CA GLY B 168 1.14 -0.24 -13.04
C GLY B 168 2.51 0.01 -12.44
N LEU B 169 3.51 -0.72 -12.93
CA LEU B 169 4.85 -0.66 -12.38
C LEU B 169 5.44 0.76 -12.34
N PRO B 170 5.46 1.50 -13.45
CA PRO B 170 6.06 2.84 -13.40
C PRO B 170 5.44 3.72 -12.31
N ALA B 171 4.11 3.79 -12.28
CA ALA B 171 3.40 4.57 -11.27
C ALA B 171 3.73 4.02 -9.87
N PHE B 172 3.77 2.70 -9.75
CA PHE B 172 4.13 2.08 -8.48
C PHE B 172 5.46 2.60 -7.94
N LEU B 173 6.44 2.77 -8.83
CA LEU B 173 7.79 3.18 -8.44
C LEU B 173 7.82 4.65 -8.05
N CYS B 174 6.71 5.35 -8.24
CA CYS B 174 6.60 6.73 -7.75
C CYS B 174 6.17 6.82 -6.28
N ASN B 175 5.89 5.68 -5.64
CA ASN B 175 5.54 5.73 -4.22
C ASN B 175 6.77 6.01 -3.36
N ASN B 176 6.57 6.13 -2.04
CA ASN B 176 7.64 6.43 -1.10
C ASN B 176 8.22 5.14 -0.50
N PHE B 177 9.44 4.75 -0.93
CA PHE B 177 10.09 3.54 -0.42
C PHE B 177 11.11 3.84 0.69
N ILE B 178 11.22 2.95 1.66
CA ILE B 178 12.22 3.11 2.72
C ILE B 178 13.60 2.68 2.21
N GLY B 179 14.65 3.36 2.69
CA GLY B 179 16.03 2.97 2.48
C GLY B 179 16.40 2.62 1.05
N ASN B 180 16.95 1.42 0.87
CA ASN B 180 17.28 0.93 -0.48
C ASN B 180 16.28 -0.10 -1.02
N SER B 181 15.03 -0.06 -0.52
CA SER B 181 14.02 -1.04 -0.94
C SER B 181 13.72 -0.97 -2.43
N LYS B 182 13.68 0.24 -2.98
CA LYS B 182 13.41 0.41 -4.40
C LYS B 182 14.52 -0.21 -5.24
N SER B 183 15.76 0.04 -4.84
CA SER B 183 16.93 -0.58 -5.46
C SER B 183 16.88 -2.11 -5.36
N GLN B 184 16.47 -2.64 -4.21
CA GLN B 184 16.30 -4.08 -4.05
C GLN B 184 15.23 -4.66 -5.00
N LEU B 185 14.10 -3.96 -5.12
CA LEU B 185 13.04 -4.40 -6.02
C LEU B 185 13.58 -4.47 -7.45
N LEU B 186 14.21 -3.39 -7.89
CA LEU B 186 14.71 -3.30 -9.25
C LEU B 186 15.71 -4.44 -9.46
N TYR B 187 16.54 -4.68 -8.45
CA TYR B 187 17.45 -5.80 -8.48
C TYR B 187 16.73 -7.13 -8.70
N ALA B 188 15.68 -7.38 -7.93
CA ALA B 188 14.89 -8.60 -8.06
C ALA B 188 14.22 -8.73 -9.44
N LEU B 189 13.77 -7.62 -10.01
CA LEU B 189 13.12 -7.69 -11.32
C LEU B 189 14.09 -8.21 -12.37
N ARG B 190 15.36 -7.80 -12.25
CA ARG B 190 16.43 -8.26 -13.14
CA ARG B 190 16.41 -8.28 -13.17
C ARG B 190 16.80 -9.73 -12.87
C ARG B 190 16.81 -9.74 -12.87
N SER B 191 17.15 -10.02 -11.62
CA SER B 191 17.59 -11.36 -11.22
C SER B 191 16.53 -12.45 -11.46
N LEU B 192 15.25 -12.10 -11.35
CA LEU B 192 14.18 -13.07 -11.61
C LEU B 192 13.79 -13.08 -13.07
N LYS B 193 14.51 -12.29 -13.87
CA LYS B 193 14.30 -12.21 -15.32
C LYS B 193 12.87 -11.86 -15.68
N LEU B 194 12.25 -11.00 -14.90
CA LEU B 194 10.90 -10.54 -15.18
C LEU B 194 10.92 -9.42 -16.20
N LEU B 195 11.95 -8.57 -16.13
CA LEU B 195 12.10 -7.45 -17.06
C LEU B 195 13.54 -7.37 -17.52
N ARG B 196 13.74 -7.04 -18.80
CA ARG B 196 15.10 -6.85 -19.32
C ARG B 196 15.61 -5.45 -18.93
N GLU B 197 16.91 -5.22 -19.11
CA GLU B 197 17.49 -3.93 -18.73
C GLU B 197 16.83 -2.76 -19.44
N ASP B 198 16.46 -2.92 -20.72
CA ASP B 198 15.79 -1.83 -21.42
C ASP B 198 14.38 -1.58 -20.88
N GLN B 199 13.70 -2.64 -20.47
CA GLN B 199 12.35 -2.51 -19.93
C GLN B 199 12.37 -1.80 -18.58
N ILE B 200 13.36 -2.15 -17.77
CA ILE B 200 13.56 -1.46 -16.49
C ILE B 200 13.82 0.03 -16.71
N GLN B 201 14.66 0.35 -17.70
CA GLN B 201 14.99 1.75 -17.98
C GLN B 201 13.76 2.50 -18.44
N GLU B 202 12.94 1.82 -19.25
CA GLU B 202 11.69 2.40 -19.73
C GLU B 202 10.72 2.66 -18.57
N VAL B 203 10.57 1.69 -17.67
CA VAL B 203 9.65 1.89 -16.54
C VAL B 203 10.15 3.00 -15.64
N LEU B 204 11.47 3.12 -15.51
CA LEU B 204 12.06 4.19 -14.69
C LEU B 204 11.87 5.56 -15.35
N LYS B 205 12.06 5.61 -16.67
CA LYS B 205 11.80 6.83 -17.44
C LYS B 205 10.33 7.24 -17.31
N ALA B 206 9.42 6.30 -17.53
CA ALA B 206 7.98 6.54 -17.45
C ALA B 206 7.52 7.04 -16.08
N SER B 207 8.19 6.57 -15.03
CA SER B 207 7.89 7.04 -13.68
C SER B 207 8.41 8.47 -13.48
N HIS B 208 9.47 8.80 -14.21
CA HIS B 208 10.09 10.13 -14.17
C HIS B 208 9.30 11.17 -14.98
N ARG B 209 8.16 10.76 -15.56
CA ARG B 209 7.27 11.68 -16.30
C ARG B 209 5.94 11.03 -16.68
C1 GOL C . -10.43 -5.16 19.25
O1 GOL C . -9.35 -5.30 18.33
C2 GOL C . -11.71 -4.85 18.48
O2 GOL C . -12.11 -6.00 17.76
C3 GOL C . -12.85 -4.43 19.43
O3 GOL C . -12.65 -3.10 19.87
C1 GOL D . 14.09 0.40 9.22
C2 GOL D . 14.42 -1.09 9.38
O2 GOL D . 13.32 -1.89 8.95
C3 GOL D . 15.71 -1.46 8.64
O3 GOL D . 15.69 -1.02 7.29
#